data_1B3V
#
_entry.id   1B3V
#
_cell.length_a   81.860
_cell.length_b   81.860
_cell.length_c   113.590
_cell.angle_alpha   90.00
_cell.angle_beta   90.00
_cell.angle_gamma   120.00
#
_symmetry.space_group_name_H-M   'P 31 2 1'
#
loop_
_entity.id
_entity.type
_entity.pdbx_description
1 polymer 'PROTEIN (XYLANASE)'
2 non-polymer beta-D-xylopyranose
3 non-polymer alpha-D-xylopyranose
4 water water
#
_entity_poly.entity_id   1
_entity_poly.type   'polypeptide(L)'
_entity_poly.pdbx_seq_one_letter_code
;(PCA)ASVSIDAKFKAHGKKYLGTIGDQYTLTKNTKNPAIIKADFGQLTPENSMKWDATEPNRGQFTFSGSDYLVNFAQS
NGKLIRGHTLVWHSQLPGWVSSITDKNTLISVLKNHITTVMTRYKGKIYAWDVLNEIFNEDGSLRNSVFYNVIGEDYVRI
AFETARSVDPNAKLYINDYNLDSAGYSKVNGMVSHVKKWLAAGIPIDGIGSQTHLGAGAGSAVAGALNALASAGTKEIAI
TELDIAGASSTDYVNVVNACLNQAKCVGITVWGVADPDSWRSSSSPLLFDGNYNPKAAYNAIANAL
;
_entity_poly.pdbx_strand_id   A
#
loop_
_chem_comp.id
_chem_comp.type
_chem_comp.name
_chem_comp.formula
XYP D-saccharide, beta linking beta-D-xylopyranose 'C5 H10 O5'
XYS D-saccharide, alpha linking alpha-D-xylopyranose 'C5 H10 O5'
#
# COMPACT_ATOMS: atom_id res chain seq x y z
N PCA A 1 -5.16 -19.52 -12.66
CA PCA A 1 -6.15 -19.30 -11.60
CB PCA A 1 -7.45 -19.00 -12.34
CG PCA A 1 -7.14 -19.18 -13.82
CD PCA A 1 -5.67 -19.46 -13.89
OE PCA A 1 -5.04 -19.61 -14.93
C PCA A 1 -6.32 -20.51 -10.70
O PCA A 1 -6.47 -21.64 -11.17
N ALA A 2 -6.26 -20.29 -9.39
CA ALA A 2 -6.47 -21.38 -8.44
C ALA A 2 -7.99 -21.56 -8.30
N SER A 3 -8.40 -22.81 -8.18
CA SER A 3 -9.81 -23.16 -8.04
C SER A 3 -10.43 -22.48 -6.82
N VAL A 4 -9.64 -22.43 -5.75
CA VAL A 4 -10.07 -21.81 -4.50
C VAL A 4 -9.49 -20.41 -4.40
N SER A 5 -10.38 -19.42 -4.24
CA SER A 5 -9.98 -18.03 -4.11
C SER A 5 -9.65 -17.65 -2.68
N ILE A 6 -8.39 -17.33 -2.37
CA ILE A 6 -8.06 -16.94 -1.01
C ILE A 6 -8.76 -15.63 -0.65
N ASP A 7 -9.11 -14.84 -1.65
CA ASP A 7 -9.82 -13.58 -1.42
C ASP A 7 -11.21 -13.91 -0.88
N ALA A 8 -11.89 -14.84 -1.54
CA ALA A 8 -13.23 -15.24 -1.12
C ALA A 8 -13.24 -15.81 0.30
N LYS A 9 -12.20 -16.57 0.65
CA LYS A 9 -12.11 -17.18 1.99
C LYS A 9 -11.75 -16.19 3.10
N PHE A 10 -10.97 -15.17 2.76
CA PHE A 10 -10.55 -14.15 3.72
C PHE A 10 -11.77 -13.29 4.00
N LYS A 11 -12.49 -12.91 2.95
CA LYS A 11 -13.70 -12.11 3.08
C LYS A 11 -14.74 -12.81 3.95
N ALA A 12 -14.75 -14.14 3.88
CA ALA A 12 -15.67 -14.97 4.65
C ALA A 12 -15.46 -14.80 6.16
N HIS A 13 -14.30 -14.29 6.55
CA HIS A 13 -13.99 -14.06 7.95
C HIS A 13 -14.23 -12.61 8.36
N GLY A 14 -15.00 -11.89 7.55
CA GLY A 14 -15.29 -10.50 7.85
C GLY A 14 -14.28 -9.49 7.34
N LYS A 15 -13.27 -9.95 6.61
CA LYS A 15 -12.25 -9.06 6.07
C LYS A 15 -12.71 -8.46 4.73
N LYS A 16 -12.17 -7.31 4.38
CA LYS A 16 -12.57 -6.62 3.14
C LYS A 16 -11.96 -7.15 1.86
N TYR A 17 -10.71 -7.62 1.89
CA TYR A 17 -10.07 -8.13 0.68
C TYR A 17 -8.71 -8.75 0.95
N LEU A 18 -8.24 -9.53 -0.02
CA LEU A 18 -6.90 -10.11 0.00
C LEU A 18 -6.63 -9.81 -1.47
N GLY A 19 -5.80 -8.79 -1.71
CA GLY A 19 -5.49 -8.39 -3.06
C GLY A 19 -4.05 -8.52 -3.52
N THR A 20 -3.76 -7.93 -4.68
CA THR A 20 -2.43 -7.98 -5.26
C THR A 20 -2.23 -6.70 -6.08
N ILE A 21 -1.21 -6.67 -6.93
CA ILE A 21 -0.94 -5.47 -7.73
C ILE A 21 -0.99 -5.72 -9.22
N GLY A 22 -0.90 -4.64 -9.98
CA GLY A 22 -0.91 -4.77 -11.42
C GLY A 22 -0.69 -3.46 -12.14
N ASP A 23 -0.60 -3.56 -13.46
CA ASP A 23 -0.42 -2.41 -14.35
C ASP A 23 -0.48 -3.03 -15.72
N GLN A 24 -0.59 -2.21 -16.76
CA GLN A 24 -0.72 -2.70 -18.14
C GLN A 24 0.09 -3.93 -18.52
N TYR A 25 1.40 -3.85 -18.38
CA TYR A 25 2.27 -4.97 -18.72
C TYR A 25 1.90 -6.31 -18.10
N THR A 26 1.88 -6.41 -16.78
CA THR A 26 1.54 -7.68 -16.14
C THR A 26 0.09 -8.11 -16.36
N LEU A 27 -0.79 -7.15 -16.64
CA LEU A 27 -2.18 -7.49 -16.90
C LEU A 27 -2.38 -7.97 -18.34
N THR A 28 -1.32 -7.90 -19.15
CA THR A 28 -1.40 -8.31 -20.57
C THR A 28 -0.27 -9.20 -21.09
N LYS A 29 0.78 -9.42 -20.30
CA LYS A 29 1.92 -10.23 -20.74
C LYS A 29 1.60 -11.68 -21.08
N ASN A 30 0.49 -12.19 -20.56
CA ASN A 30 0.05 -13.55 -20.83
C ASN A 30 -1.41 -13.67 -20.41
N THR A 31 -1.98 -14.86 -20.60
CA THR A 31 -3.38 -15.09 -20.27
C THR A 31 -3.62 -15.43 -18.81
N LYS A 32 -2.66 -16.12 -18.19
CA LYS A 32 -2.80 -16.54 -16.79
C LYS A 32 -2.82 -15.46 -15.71
N ASN A 33 -1.90 -14.50 -15.79
CA ASN A 33 -1.82 -13.44 -14.78
C ASN A 33 -3.14 -12.71 -14.55
N PRO A 34 -3.75 -12.13 -15.60
CA PRO A 34 -5.01 -11.43 -15.36
C PRO A 34 -6.11 -12.38 -14.89
N ALA A 35 -6.03 -13.64 -15.31
CA ALA A 35 -7.02 -14.64 -14.92
C ALA A 35 -6.88 -14.95 -13.45
N ILE A 36 -5.66 -14.96 -12.94
CA ILE A 36 -5.41 -15.23 -11.52
C ILE A 36 -5.98 -14.08 -10.70
N ILE A 37 -5.74 -12.86 -11.16
CA ILE A 37 -6.22 -11.68 -10.48
C ILE A 37 -7.74 -11.65 -10.38
N LYS A 38 -8.43 -11.94 -11.48
CA LYS A 38 -9.88 -11.93 -11.48
C LYS A 38 -10.52 -13.03 -10.64
N ALA A 39 -9.86 -14.18 -10.57
CA ALA A 39 -10.38 -15.31 -9.82
C ALA A 39 -10.03 -15.37 -8.34
N ASP A 40 -8.77 -15.12 -8.00
CA ASP A 40 -8.30 -15.25 -6.63
C ASP A 40 -8.05 -14.02 -5.75
N PHE A 41 -8.10 -12.82 -6.32
CA PHE A 41 -7.83 -11.63 -5.54
C PHE A 41 -8.99 -10.66 -5.68
N GLY A 42 -9.20 -9.81 -4.68
CA GLY A 42 -10.32 -8.88 -4.75
C GLY A 42 -9.99 -7.39 -4.68
N GLN A 43 -8.71 -7.06 -4.76
CA GLN A 43 -8.28 -5.67 -4.70
C GLN A 43 -7.02 -5.50 -5.54
N LEU A 44 -6.79 -4.28 -6.04
CA LEU A 44 -5.62 -4.00 -6.85
C LEU A 44 -4.97 -2.67 -6.50
N THR A 45 -3.65 -2.66 -6.50
CA THR A 45 -2.87 -1.48 -6.23
C THR A 45 -2.00 -1.31 -7.48
N PRO A 46 -1.98 -0.12 -8.07
CA PRO A 46 -1.14 0.04 -9.26
C PRO A 46 0.30 -0.07 -8.82
N GLU A 47 1.08 -0.88 -9.52
CA GLU A 47 2.48 -1.06 -9.17
C GLU A 47 3.35 0.19 -9.33
N ASN A 48 3.08 1.00 -10.35
CA ASN A 48 3.89 2.20 -10.59
C ASN A 48 3.16 3.38 -11.22
N SER A 49 2.06 3.11 -11.93
CA SER A 49 1.31 4.15 -12.64
C SER A 49 0.75 5.36 -11.90
N MET A 50 0.55 5.25 -10.60
CA MET A 50 -0.01 6.39 -9.85
C MET A 50 1.00 7.23 -9.07
N LYS A 51 2.27 6.85 -9.13
CA LYS A 51 3.32 7.58 -8.43
C LYS A 51 3.58 8.95 -9.07
N TRP A 52 4.28 9.82 -8.33
CA TRP A 52 4.53 11.18 -8.82
C TRP A 52 5.23 11.26 -10.17
N ASP A 53 6.30 10.49 -10.36
CA ASP A 53 7.04 10.48 -11.62
C ASP A 53 6.21 10.06 -12.85
N ALA A 54 5.26 9.15 -12.62
CA ALA A 54 4.41 8.65 -13.69
C ALA A 54 3.19 9.51 -13.93
N THR A 55 2.77 10.28 -12.93
CA THR A 55 1.59 11.13 -13.07
C THR A 55 1.84 12.60 -13.34
N GLU A 56 2.94 13.14 -12.84
CA GLU A 56 3.25 14.54 -13.07
C GLU A 56 4.74 14.73 -13.33
N PRO A 57 5.21 14.28 -14.52
CA PRO A 57 6.61 14.36 -14.96
C PRO A 57 7.14 15.79 -15.08
N ASN A 58 6.25 16.73 -15.35
CA ASN A 58 6.62 18.13 -15.50
C ASN A 58 5.59 18.94 -14.71
N ARG A 59 6.03 20.06 -14.15
CA ARG A 59 5.18 20.91 -13.34
C ARG A 59 3.84 21.30 -13.96
N GLY A 60 2.77 20.76 -13.39
CA GLY A 60 1.42 21.04 -13.85
C GLY A 60 0.97 20.30 -15.09
N GLN A 61 1.74 19.31 -15.52
CA GLN A 61 1.40 18.54 -16.71
C GLN A 61 1.33 17.08 -16.33
N PHE A 62 0.11 16.56 -16.40
CA PHE A 62 -0.20 15.19 -16.02
C PHE A 62 -0.28 14.17 -17.15
N THR A 63 0.08 12.96 -16.80
CA THR A 63 0.07 11.85 -17.73
C THR A 63 -0.64 10.71 -17.01
N PHE A 64 -1.87 10.40 -17.44
CA PHE A 64 -2.67 9.37 -16.79
C PHE A 64 -3.01 8.13 -17.59
N SER A 65 -2.26 7.85 -18.65
CA SER A 65 -2.54 6.67 -19.46
C SER A 65 -2.47 5.36 -18.67
N GLY A 66 -1.36 5.15 -17.97
CA GLY A 66 -1.16 3.94 -17.19
C GLY A 66 -2.13 3.74 -16.05
N SER A 67 -2.32 4.78 -15.23
CA SER A 67 -3.23 4.72 -14.10
C SER A 67 -4.68 4.54 -14.55
N ASP A 68 -5.04 5.14 -15.68
CA ASP A 68 -6.39 5.04 -16.24
C ASP A 68 -6.70 3.58 -16.52
N TYR A 69 -5.75 2.91 -17.15
CA TYR A 69 -5.88 1.50 -17.51
C TYR A 69 -6.06 0.60 -16.29
N LEU A 70 -5.23 0.80 -15.27
CA LEU A 70 -5.30 0.01 -14.05
C LEU A 70 -6.66 0.19 -13.36
N VAL A 71 -7.09 1.45 -13.20
CA VAL A 71 -8.36 1.75 -12.55
C VAL A 71 -9.51 1.13 -13.33
N ASN A 72 -9.52 1.34 -14.64
CA ASN A 72 -10.56 0.79 -15.49
C ASN A 72 -10.62 -0.74 -15.42
N PHE A 73 -9.47 -1.40 -15.40
CA PHE A 73 -9.45 -2.87 -15.32
C PHE A 73 -10.07 -3.32 -14.00
N ALA A 74 -9.67 -2.67 -12.92
CA ALA A 74 -10.18 -3.00 -11.59
C ALA A 74 -11.69 -2.76 -11.50
N GLN A 75 -12.11 -1.57 -11.88
CA GLN A 75 -13.53 -1.21 -11.84
C GLN A 75 -14.36 -2.16 -12.72
N SER A 76 -13.85 -2.48 -13.90
CA SER A 76 -14.53 -3.37 -14.85
C SER A 76 -14.62 -4.81 -14.34
N ASN A 77 -13.86 -5.14 -13.30
CA ASN A 77 -13.87 -6.49 -12.77
C ASN A 77 -14.19 -6.63 -11.28
N GLY A 78 -14.80 -5.61 -10.74
CA GLY A 78 -15.21 -5.63 -9.34
C GLY A 78 -14.09 -5.70 -8.34
N LYS A 79 -12.95 -5.08 -8.68
CA LYS A 79 -11.81 -5.07 -7.78
C LYS A 79 -11.69 -3.73 -7.07
N LEU A 80 -11.49 -3.77 -5.75
CA LEU A 80 -11.32 -2.56 -4.95
C LEU A 80 -9.96 -2.02 -5.35
N ILE A 81 -9.76 -0.72 -5.23
CA ILE A 81 -8.51 -0.11 -5.63
C ILE A 81 -7.88 0.64 -4.49
N ARG A 82 -6.57 0.53 -4.38
CA ARG A 82 -5.83 1.29 -3.39
C ARG A 82 -4.90 2.20 -4.18
N GLY A 83 -5.11 3.51 -4.06
CA GLY A 83 -4.27 4.47 -4.76
C GLY A 83 -2.90 4.50 -4.12
N HIS A 84 -1.86 4.63 -4.92
CA HIS A 84 -0.51 4.60 -4.40
C HIS A 84 0.45 5.24 -5.40
N THR A 85 1.14 6.33 -5.01
CA THR A 85 1.07 6.97 -3.69
C THR A 85 1.25 8.46 -3.94
N LEU A 86 0.55 9.28 -3.16
CA LEU A 86 0.57 10.71 -3.34
C LEU A 86 1.80 11.52 -2.97
N VAL A 87 2.35 11.32 -1.77
CA VAL A 87 3.52 12.06 -1.33
C VAL A 87 4.60 11.06 -0.92
N TRP A 88 5.74 11.11 -1.59
CA TRP A 88 6.82 10.17 -1.33
C TRP A 88 8.13 10.81 -1.81
N HIS A 89 9.25 10.46 -1.16
CA HIS A 89 10.56 11.00 -1.50
C HIS A 89 11.25 10.25 -2.66
N SER A 90 10.81 9.03 -2.92
CA SER A 90 11.36 8.19 -3.98
C SER A 90 10.47 8.30 -5.22
N GLN A 91 11.05 8.07 -6.39
CA GLN A 91 10.32 8.17 -7.67
C GLN A 91 9.59 9.51 -7.75
N LEU A 92 10.32 10.57 -7.41
CA LEU A 92 9.81 11.93 -7.42
C LEU A 92 10.63 12.72 -8.43
N PRO A 93 9.96 13.39 -9.40
CA PRO A 93 10.64 14.19 -10.42
C PRO A 93 11.54 15.26 -9.82
N GLY A 94 12.67 15.52 -10.46
CA GLY A 94 13.62 16.51 -9.96
C GLY A 94 13.06 17.90 -9.80
N TRP A 95 12.03 18.25 -10.57
CA TRP A 95 11.46 19.57 -10.46
C TRP A 95 10.80 19.82 -9.10
N VAL A 96 10.38 18.76 -8.43
CA VAL A 96 9.74 18.90 -7.11
C VAL A 96 10.80 19.07 -6.03
N SER A 97 11.78 18.16 -6.02
CA SER A 97 12.83 18.18 -5.02
C SER A 97 13.76 19.37 -5.09
N SER A 98 13.73 20.14 -6.18
CA SER A 98 14.59 21.32 -6.31
C SER A 98 13.94 22.59 -5.75
N ILE A 99 12.66 22.52 -5.43
CA ILE A 99 11.93 23.67 -4.88
C ILE A 99 12.38 23.95 -3.44
N THR A 100 12.71 25.21 -3.17
CA THR A 100 13.17 25.64 -1.87
C THR A 100 12.19 26.56 -1.15
N ASP A 101 11.25 27.14 -1.88
CA ASP A 101 10.27 28.03 -1.28
C ASP A 101 9.06 27.29 -0.73
N LYS A 102 8.87 27.39 0.59
CA LYS A 102 7.79 26.74 1.32
C LYS A 102 6.40 26.85 0.69
N ASN A 103 5.93 28.07 0.49
CA ASN A 103 4.60 28.30 -0.09
C ASN A 103 4.48 27.74 -1.50
N THR A 104 5.59 27.69 -2.22
CA THR A 104 5.59 27.15 -3.57
C THR A 104 5.46 25.63 -3.52
N LEU A 105 6.13 24.99 -2.56
CA LEU A 105 6.04 23.53 -2.45
C LEU A 105 4.64 23.14 -1.97
N ILE A 106 4.06 23.92 -1.07
CA ILE A 106 2.71 23.65 -0.56
C ILE A 106 1.70 23.71 -1.71
N SER A 107 1.84 24.72 -2.56
CA SER A 107 0.98 24.89 -3.72
C SER A 107 1.08 23.69 -4.66
N VAL A 108 2.31 23.24 -4.89
CA VAL A 108 2.59 22.09 -5.73
C VAL A 108 2.01 20.79 -5.15
N LEU A 109 2.30 20.57 -3.87
CA LEU A 109 1.84 19.40 -3.12
C LEU A 109 0.33 19.27 -3.22
N LYS A 110 -0.36 20.37 -2.95
CA LYS A 110 -1.82 20.40 -3.00
C LYS A 110 -2.37 20.17 -4.40
N ASN A 111 -1.73 20.77 -5.41
CA ASN A 111 -2.18 20.61 -6.79
C ASN A 111 -2.05 19.17 -7.25
N HIS A 112 -0.96 18.51 -6.84
CA HIS A 112 -0.74 17.13 -7.22
C HIS A 112 -1.74 16.20 -6.54
N ILE A 113 -1.97 16.40 -5.25
CA ILE A 113 -2.91 15.57 -4.52
C ILE A 113 -4.31 15.75 -5.14
N THR A 114 -4.71 17.00 -5.32
CA THR A 114 -6.00 17.36 -5.90
C THR A 114 -6.26 16.80 -7.31
N THR A 115 -5.33 17.00 -8.23
CA THR A 115 -5.53 16.51 -9.58
C THR A 115 -5.56 14.98 -9.67
N VAL A 116 -4.63 14.30 -9.02
CA VAL A 116 -4.62 12.84 -9.09
C VAL A 116 -5.84 12.22 -8.40
N MET A 117 -6.23 12.76 -7.26
CA MET A 117 -7.38 12.26 -6.52
C MET A 117 -8.70 12.59 -7.19
N THR A 118 -8.82 13.80 -7.73
CA THR A 118 -10.06 14.22 -8.38
C THR A 118 -10.39 13.34 -9.56
N ARG A 119 -9.37 12.93 -10.30
CA ARG A 119 -9.57 12.11 -11.47
C ARG A 119 -10.22 10.75 -11.19
N TYR A 120 -10.03 10.23 -9.99
CA TYR A 120 -10.61 8.94 -9.63
C TYR A 120 -11.56 9.06 -8.44
N LYS A 121 -12.06 10.27 -8.23
CA LYS A 121 -12.97 10.54 -7.14
C LYS A 121 -14.13 9.55 -7.06
N GLY A 122 -14.23 8.85 -5.93
CA GLY A 122 -15.30 7.90 -5.73
C GLY A 122 -15.00 6.47 -6.09
N LYS A 123 -13.87 6.24 -6.76
CA LYS A 123 -13.49 4.88 -7.19
C LYS A 123 -12.40 4.24 -6.36
N ILE A 124 -11.76 5.06 -5.53
CA ILE A 124 -10.66 4.60 -4.72
C ILE A 124 -11.08 4.23 -3.30
N TYR A 125 -10.83 2.98 -2.93
CA TYR A 125 -11.16 2.53 -1.60
C TYR A 125 -10.24 3.25 -0.63
N ALA A 126 -8.93 3.16 -0.87
CA ALA A 126 -7.95 3.80 0.01
C ALA A 126 -6.79 4.41 -0.77
N TRP A 127 -6.23 5.47 -0.20
CA TRP A 127 -5.09 6.19 -0.78
C TRP A 127 -3.94 6.19 0.19
N ASP A 128 -2.74 5.93 -0.31
CA ASP A 128 -1.56 6.01 0.52
C ASP A 128 -1.18 7.46 0.27
N VAL A 129 -1.64 8.35 1.14
CA VAL A 129 -1.37 9.78 1.00
C VAL A 129 0.10 10.05 1.20
N LEU A 130 0.67 9.49 2.26
CA LEU A 130 2.08 9.67 2.57
C LEU A 130 2.75 8.31 2.61
N ASN A 131 3.94 8.22 2.02
CA ASN A 131 4.66 6.95 1.98
C ASN A 131 6.10 7.11 2.47
N GLU A 132 6.50 6.20 3.34
CA GLU A 132 7.84 6.14 3.89
C GLU A 132 8.38 7.46 4.40
N ILE A 133 7.67 8.09 5.34
CA ILE A 133 8.12 9.36 5.88
C ILE A 133 8.98 9.24 7.14
N PHE A 134 9.21 8.03 7.62
CA PHE A 134 10.00 7.82 8.84
C PHE A 134 11.39 7.22 8.61
N ASN A 135 12.32 7.61 9.48
CA ASN A 135 13.68 7.08 9.45
C ASN A 135 13.54 5.82 10.32
N GLU A 136 14.50 4.91 10.24
CA GLU A 136 14.43 3.68 11.03
C GLU A 136 14.35 3.90 12.55
N ASP A 137 14.82 5.05 13.02
CA ASP A 137 14.77 5.35 14.45
C ASP A 137 13.47 5.99 14.93
N GLY A 138 12.50 6.13 14.03
CA GLY A 138 11.21 6.71 14.40
C GLY A 138 11.09 8.20 14.19
N SER A 139 12.17 8.86 13.76
CA SER A 139 12.14 10.29 13.52
C SER A 139 11.71 10.53 12.08
N LEU A 140 11.26 11.75 11.80
CA LEU A 140 10.81 12.10 10.47
C LEU A 140 11.95 12.20 9.46
N ARG A 141 11.74 11.59 8.29
CA ARG A 141 12.72 11.57 7.22
C ARG A 141 12.87 12.96 6.60
N ASN A 142 14.12 13.39 6.46
CA ASN A 142 14.42 14.69 5.89
C ASN A 142 14.27 14.75 4.38
N SER A 143 13.05 14.54 3.92
CA SER A 143 12.75 14.59 2.49
C SER A 143 12.61 16.06 2.15
N VAL A 144 12.40 16.37 0.88
CA VAL A 144 12.24 17.76 0.48
C VAL A 144 11.00 18.34 1.17
N PHE A 145 9.95 17.54 1.30
CA PHE A 145 8.73 18.01 1.93
C PHE A 145 8.99 18.40 3.37
N TYR A 146 9.73 17.57 4.10
CA TYR A 146 10.06 17.83 5.50
C TYR A 146 11.01 19.02 5.66
N ASN A 147 12.04 19.07 4.81
CA ASN A 147 13.03 20.15 4.87
C ASN A 147 12.45 21.52 4.51
N VAL A 148 11.62 21.57 3.48
CA VAL A 148 11.03 22.84 3.02
C VAL A 148 9.77 23.31 3.74
N ILE A 149 8.83 22.40 3.96
CA ILE A 149 7.57 22.75 4.62
C ILE A 149 7.60 22.57 6.12
N GLY A 150 8.22 21.49 6.55
CA GLY A 150 8.28 21.16 7.96
C GLY A 150 7.25 20.08 8.26
N GLU A 151 7.08 19.73 9.52
CA GLU A 151 6.11 18.70 9.90
C GLU A 151 4.68 18.97 9.44
N ASP A 152 4.35 20.24 9.22
CA ASP A 152 3.02 20.65 8.79
C ASP A 152 2.60 20.06 7.46
N TYR A 153 3.53 19.54 6.67
CA TYR A 153 3.15 18.95 5.38
C TYR A 153 2.24 17.75 5.60
N VAL A 154 2.40 17.10 6.75
CA VAL A 154 1.58 15.94 7.11
C VAL A 154 0.11 16.37 7.21
N ARG A 155 -0.14 17.45 7.92
CA ARG A 155 -1.50 17.95 8.07
C ARG A 155 -2.03 18.38 6.71
N ILE A 156 -1.22 19.13 5.97
CA ILE A 156 -1.60 19.63 4.65
C ILE A 156 -1.98 18.51 3.68
N ALA A 157 -1.15 17.47 3.58
CA ALA A 157 -1.44 16.37 2.68
C ALA A 157 -2.78 15.70 3.02
N PHE A 158 -2.94 15.29 4.27
CA PHE A 158 -4.16 14.62 4.69
C PHE A 158 -5.42 15.47 4.58
N GLU A 159 -5.33 16.74 4.95
CA GLU A 159 -6.48 17.64 4.89
C GLU A 159 -6.93 17.95 3.47
N THR A 160 -5.97 17.95 2.54
CA THR A 160 -6.29 18.18 1.14
C THR A 160 -6.98 16.94 0.64
N ALA A 161 -6.41 15.78 0.96
CA ALA A 161 -6.95 14.49 0.55
C ALA A 161 -8.41 14.33 0.99
N ARG A 162 -8.67 14.60 2.27
CA ARG A 162 -10.00 14.51 2.86
C ARG A 162 -11.05 15.36 2.15
N SER A 163 -10.71 16.62 1.86
CA SER A 163 -11.65 17.51 1.21
C SER A 163 -11.91 17.17 -0.25
N VAL A 164 -10.87 16.70 -0.94
CA VAL A 164 -10.97 16.34 -2.35
C VAL A 164 -11.81 15.08 -2.58
N ASP A 165 -11.58 14.06 -1.78
CA ASP A 165 -12.36 12.83 -1.92
C ASP A 165 -12.66 12.25 -0.56
N PRO A 166 -13.76 12.71 0.06
CA PRO A 166 -14.17 12.23 1.38
C PRO A 166 -14.61 10.76 1.43
N ASN A 167 -14.59 10.08 0.28
CA ASN A 167 -14.99 8.67 0.21
C ASN A 167 -13.81 7.71 0.40
N ALA A 168 -12.60 8.20 0.22
CA ALA A 168 -11.42 7.34 0.36
C ALA A 168 -10.90 7.32 1.78
N LYS A 169 -10.30 6.19 2.17
CA LYS A 169 -9.69 6.01 3.47
C LYS A 169 -8.28 6.56 3.27
N LEU A 170 -7.88 7.50 4.12
CA LEU A 170 -6.56 8.11 4.02
C LEU A 170 -5.53 7.35 4.85
N TYR A 171 -4.48 6.88 4.20
CA TYR A 171 -3.42 6.10 4.85
C TYR A 171 -2.01 6.71 4.82
N ILE A 172 -1.21 6.31 5.80
CA ILE A 172 0.19 6.68 5.89
C ILE A 172 0.78 5.26 5.82
N ASN A 173 1.66 5.04 4.85
CA ASN A 173 2.25 3.73 4.60
C ASN A 173 3.74 3.73 4.90
N ASP A 174 4.29 2.58 5.32
CA ASP A 174 5.71 2.48 5.61
C ASP A 174 6.13 1.03 5.75
N TYR A 175 7.44 0.79 5.60
CA TYR A 175 7.99 -0.56 5.70
C TYR A 175 8.77 -0.69 6.99
N ASN A 176 9.07 -1.92 7.36
CA ASN A 176 9.80 -2.25 8.59
C ASN A 176 9.00 -2.04 9.88
N LEU A 177 7.67 -2.05 9.77
CA LEU A 177 6.80 -1.93 10.93
C LEU A 177 6.43 -3.40 11.18
N ASP A 178 7.44 -4.27 11.23
CA ASP A 178 7.28 -5.72 11.34
C ASP A 178 7.48 -6.45 12.65
N SER A 179 7.72 -5.74 13.75
CA SER A 179 7.84 -6.40 15.05
C SER A 179 7.60 -5.39 16.16
N ALA A 180 6.81 -5.78 17.16
CA ALA A 180 6.50 -4.91 18.29
C ALA A 180 7.79 -4.54 19.01
N GLY A 181 7.93 -3.27 19.38
CA GLY A 181 9.12 -2.82 20.08
C GLY A 181 10.16 -2.20 19.18
N TYR A 182 10.03 -2.41 17.87
CA TYR A 182 10.97 -1.84 16.90
C TYR A 182 10.82 -0.33 16.89
N SER A 183 11.95 0.38 16.88
CA SER A 183 11.97 1.84 16.89
C SER A 183 11.04 2.55 15.90
N LYS A 184 10.94 2.01 14.68
CA LYS A 184 10.10 2.59 13.64
C LYS A 184 8.61 2.44 13.98
N VAL A 185 8.26 1.34 14.63
CA VAL A 185 6.87 1.08 15.03
C VAL A 185 6.51 2.09 16.11
N ASN A 186 7.38 2.23 17.10
CA ASN A 186 7.18 3.18 18.19
C ASN A 186 7.04 4.60 17.63
N GLY A 187 7.91 4.94 16.67
CA GLY A 187 7.86 6.25 16.05
C GLY A 187 6.57 6.48 15.28
N MET A 188 6.09 5.46 14.58
CA MET A 188 4.84 5.53 13.82
C MET A 188 3.64 5.67 14.77
N VAL A 189 3.63 4.88 15.84
CA VAL A 189 2.53 4.92 16.79
C VAL A 189 2.44 6.24 17.56
N SER A 190 3.56 6.75 18.07
CA SER A 190 3.55 7.99 18.83
C SER A 190 3.20 9.21 17.99
N HIS A 191 3.66 9.23 16.74
CA HIS A 191 3.37 10.35 15.84
C HIS A 191 1.90 10.36 15.42
N VAL A 192 1.36 9.20 15.07
CA VAL A 192 -0.04 9.10 14.68
C VAL A 192 -0.96 9.49 15.83
N LYS A 193 -0.62 9.10 17.06
CA LYS A 193 -1.43 9.46 18.23
C LYS A 193 -1.49 10.99 18.32
N LYS A 194 -0.33 11.62 18.15
CA LYS A 194 -0.23 13.08 18.22
C LYS A 194 -1.00 13.75 17.09
N TRP A 195 -0.88 13.19 15.88
CA TRP A 195 -1.55 13.73 14.71
C TRP A 195 -3.07 13.56 14.77
N LEU A 196 -3.52 12.43 15.27
CA LEU A 196 -4.95 12.19 15.42
C LEU A 196 -5.50 13.12 16.49
N ALA A 197 -4.74 13.33 17.55
CA ALA A 197 -5.15 14.19 18.65
C ALA A 197 -5.31 15.64 18.20
N ALA A 198 -4.56 16.02 17.17
CA ALA A 198 -4.61 17.37 16.62
C ALA A 198 -5.67 17.55 15.55
N GLY A 199 -6.36 16.48 15.20
CA GLY A 199 -7.42 16.60 14.22
C GLY A 199 -7.08 16.22 12.78
N ILE A 200 -5.87 15.72 12.58
CA ILE A 200 -5.45 15.31 11.24
C ILE A 200 -6.18 14.01 10.88
N PRO A 201 -6.85 14.00 9.73
CA PRO A 201 -7.62 12.85 9.23
C PRO A 201 -6.86 11.64 8.68
N ILE A 202 -6.25 10.86 9.57
CA ILE A 202 -5.55 9.66 9.14
C ILE A 202 -6.44 8.48 9.50
N ASP A 203 -7.05 7.86 8.51
CA ASP A 203 -7.95 6.73 8.75
C ASP A 203 -7.26 5.41 9.00
N GLY A 204 -6.09 5.22 8.39
CA GLY A 204 -5.39 3.97 8.57
C GLY A 204 -3.88 4.02 8.43
N ILE A 205 -3.23 2.97 8.92
CA ILE A 205 -1.78 2.82 8.85
C ILE A 205 -1.55 1.61 7.97
N GLY A 206 -0.68 1.75 6.97
CA GLY A 206 -0.37 0.66 6.09
C GLY A 206 1.01 0.12 6.40
N SER A 207 1.13 -1.19 6.53
CA SER A 207 2.43 -1.77 6.82
C SER A 207 2.77 -2.59 5.60
N GLN A 208 3.83 -2.19 4.91
CA GLN A 208 4.28 -2.87 3.70
C GLN A 208 4.48 -4.35 3.89
N THR A 209 5.31 -4.72 4.84
CA THR A 209 5.58 -6.12 5.14
C THR A 209 6.40 -6.88 4.09
N HIS A 210 7.57 -6.33 3.76
CA HIS A 210 8.48 -6.97 2.82
C HIS A 210 9.39 -7.78 3.75
N LEU A 211 9.12 -9.07 3.86
CA LEU A 211 9.86 -9.91 4.77
C LEU A 211 10.94 -10.82 4.23
N GLY A 212 11.78 -11.26 5.16
CA GLY A 212 12.83 -12.21 4.85
C GLY A 212 12.31 -13.52 5.41
N ALA A 213 12.97 -14.63 5.15
CA ALA A 213 12.51 -15.92 5.65
C ALA A 213 12.53 -15.96 7.18
N GLY A 214 11.45 -16.47 7.78
CA GLY A 214 11.36 -16.56 9.23
C GLY A 214 10.79 -15.35 9.94
N ALA A 215 10.56 -14.24 9.23
CA ALA A 215 10.04 -13.04 9.85
C ALA A 215 8.53 -12.97 10.05
N GLY A 216 7.81 -14.00 9.59
CA GLY A 216 6.36 -14.01 9.72
C GLY A 216 5.71 -14.03 11.10
N SER A 217 6.25 -14.83 12.02
CA SER A 217 5.69 -14.93 13.39
C SER A 217 5.65 -13.65 14.22
N ALA A 218 6.48 -12.67 13.86
CA ALA A 218 6.54 -11.42 14.59
C ALA A 218 5.52 -10.38 14.12
N VAL A 219 4.97 -10.56 12.92
CA VAL A 219 4.00 -9.62 12.35
C VAL A 219 2.75 -9.40 13.21
N ALA A 220 2.22 -10.46 13.84
CA ALA A 220 1.04 -10.35 14.69
C ALA A 220 1.20 -9.28 15.77
N GLY A 221 2.32 -9.32 16.48
CA GLY A 221 2.59 -8.35 17.52
C GLY A 221 2.76 -6.94 16.97
N ALA A 222 3.28 -6.86 15.74
CA ALA A 222 3.49 -5.58 15.07
C ALA A 222 2.14 -4.93 14.81
N LEU A 223 1.20 -5.73 14.30
CA LEU A 223 -0.13 -5.26 14.02
C LEU A 223 -0.84 -4.83 15.30
N ASN A 224 -0.56 -5.55 16.37
CA ASN A 224 -1.15 -5.22 17.67
C ASN A 224 -0.61 -3.88 18.15
N ALA A 225 0.68 -3.67 18.01
CA ALA A 225 1.27 -2.40 18.43
C ALA A 225 0.72 -1.24 17.62
N LEU A 226 0.64 -1.40 16.29
CA LEU A 226 0.12 -0.35 15.41
C LEU A 226 -1.32 0.00 15.74
N ALA A 227 -2.09 -0.99 16.18
CA ALA A 227 -3.48 -0.76 16.51
C ALA A 227 -3.63 0.25 17.65
N SER A 228 -2.57 0.41 18.45
CA SER A 228 -2.58 1.35 19.56
C SER A 228 -2.58 2.82 19.15
N ALA A 229 -2.16 3.10 17.92
CA ALA A 229 -2.10 4.48 17.43
C ALA A 229 -3.46 5.16 17.49
N GLY A 230 -4.52 4.36 17.35
CA GLY A 230 -5.86 4.90 17.43
C GLY A 230 -6.55 5.16 16.11
N THR A 231 -6.01 4.59 15.02
CA THR A 231 -6.64 4.79 13.72
C THR A 231 -7.83 3.84 13.59
N LYS A 232 -8.75 4.15 12.67
CA LYS A 232 -9.92 3.31 12.46
C LYS A 232 -9.56 1.92 11.94
N GLU A 233 -8.51 1.84 11.13
CA GLU A 233 -8.08 0.57 10.55
C GLU A 233 -6.60 0.57 10.21
N ILE A 234 -6.07 -0.63 9.95
CA ILE A 234 -4.68 -0.83 9.55
C ILE A 234 -4.69 -1.89 8.44
N ALA A 235 -3.60 -2.06 7.71
CA ALA A 235 -3.57 -3.07 6.65
C ALA A 235 -2.17 -3.45 6.22
N ILE A 236 -2.02 -4.67 5.69
CA ILE A 236 -0.76 -5.15 5.16
C ILE A 236 -0.86 -4.80 3.69
N THR A 237 -0.07 -3.82 3.29
CA THR A 237 -0.10 -3.26 1.95
C THR A 237 0.80 -3.81 0.84
N GLU A 238 1.98 -4.33 1.17
CA GLU A 238 2.89 -4.81 0.12
C GLU A 238 3.60 -6.09 0.53
N LEU A 239 2.81 -7.09 0.87
CA LEU A 239 3.34 -8.36 1.34
C LEU A 239 4.11 -9.26 0.37
N ASP A 240 5.27 -9.70 0.83
CA ASP A 240 6.09 -10.65 0.10
C ASP A 240 7.13 -11.18 1.08
N ILE A 241 7.42 -12.47 0.98
CA ILE A 241 8.35 -13.13 1.89
C ILE A 241 9.32 -14.02 1.13
N ALA A 242 10.61 -13.72 1.23
CA ALA A 242 11.64 -14.51 0.56
C ALA A 242 11.48 -15.97 0.94
N GLY A 243 11.47 -16.84 -0.07
CA GLY A 243 11.32 -18.27 0.16
C GLY A 243 9.86 -18.69 0.11
N ALA A 244 8.96 -17.74 0.35
CA ALA A 244 7.53 -17.97 0.34
C ALA A 244 7.10 -19.26 1.03
N SER A 245 7.65 -19.52 2.20
CA SER A 245 7.30 -20.73 2.95
C SER A 245 5.88 -20.65 3.46
N SER A 246 5.23 -21.80 3.59
CA SER A 246 3.87 -21.85 4.09
C SER A 246 3.79 -21.30 5.51
N THR A 247 4.80 -21.60 6.32
CA THR A 247 4.84 -21.13 7.70
C THR A 247 4.80 -19.60 7.77
N ASP A 248 5.65 -18.93 6.98
CA ASP A 248 5.67 -17.46 6.96
C ASP A 248 4.37 -16.82 6.45
N TYR A 249 3.86 -17.34 5.33
CA TYR A 249 2.64 -16.80 4.74
C TYR A 249 1.39 -16.99 5.61
N VAL A 250 1.23 -18.17 6.20
CA VAL A 250 0.09 -18.46 7.05
C VAL A 250 0.17 -17.61 8.31
N ASN A 251 1.39 -17.43 8.83
CA ASN A 251 1.59 -16.60 10.02
C ASN A 251 1.17 -15.16 9.73
N VAL A 252 1.50 -14.65 8.53
CA VAL A 252 1.12 -13.29 8.18
C VAL A 252 -0.39 -13.18 8.00
N VAL A 253 -1.01 -14.15 7.32
CA VAL A 253 -2.47 -14.12 7.13
C VAL A 253 -3.21 -14.14 8.48
N ASN A 254 -2.78 -15.02 9.38
CA ASN A 254 -3.38 -15.14 10.72
C ASN A 254 -3.20 -13.88 11.55
N ALA A 255 -2.07 -13.21 11.37
CA ALA A 255 -1.76 -11.97 12.07
C ALA A 255 -2.83 -10.93 11.78
N CYS A 256 -3.25 -10.86 10.52
CA CYS A 256 -4.28 -9.91 10.10
C CYS A 256 -5.65 -10.42 10.54
N LEU A 257 -5.88 -11.71 10.31
CA LEU A 257 -7.14 -12.35 10.64
C LEU A 257 -7.55 -12.15 12.10
N ASN A 258 -6.57 -12.25 12.99
CA ASN A 258 -6.81 -12.13 14.42
C ASN A 258 -6.73 -10.75 15.03
N GLN A 259 -6.56 -9.73 14.21
CA GLN A 259 -6.51 -8.35 14.67
C GLN A 259 -7.70 -7.67 14.01
N ALA A 260 -8.61 -7.14 14.81
CA ALA A 260 -9.83 -6.51 14.29
C ALA A 260 -9.67 -5.27 13.41
N LYS A 261 -8.57 -4.55 13.57
CA LYS A 261 -8.35 -3.36 12.77
C LYS A 261 -7.80 -3.66 11.39
N CYS A 262 -7.24 -4.85 11.23
CA CYS A 262 -6.67 -5.23 9.95
C CYS A 262 -7.79 -5.56 8.96
N VAL A 263 -8.01 -4.66 8.01
CA VAL A 263 -9.07 -4.87 7.03
C VAL A 263 -8.67 -5.72 5.83
N GLY A 264 -7.37 -5.77 5.52
CA GLY A 264 -6.95 -6.56 4.37
C GLY A 264 -5.45 -6.76 4.16
N ILE A 265 -5.13 -7.60 3.18
CA ILE A 265 -3.77 -7.93 2.82
C ILE A 265 -3.62 -7.78 1.31
N THR A 266 -2.56 -7.08 0.88
CA THR A 266 -2.25 -6.94 -0.54
C THR A 266 -0.90 -7.60 -0.72
N VAL A 267 -0.84 -8.62 -1.57
CA VAL A 267 0.41 -9.33 -1.88
C VAL A 267 1.06 -8.49 -2.98
N TRP A 268 2.31 -8.08 -2.78
CA TRP A 268 3.00 -7.24 -3.75
C TRP A 268 3.41 -8.00 -5.03
N GLY A 269 2.41 -8.51 -5.74
CA GLY A 269 2.67 -9.25 -6.96
C GLY A 269 1.95 -10.56 -6.97
N VAL A 270 1.72 -11.09 -8.16
CA VAL A 270 1.04 -12.36 -8.32
C VAL A 270 2.05 -13.49 -8.45
N ALA A 271 2.88 -13.45 -9.50
CA ALA A 271 3.88 -14.50 -9.73
C ALA A 271 5.32 -14.02 -9.64
N ASP A 272 6.18 -14.91 -9.13
CA ASP A 272 7.60 -14.63 -8.94
C ASP A 272 8.39 -13.88 -10.02
N PRO A 273 8.29 -14.28 -11.31
CA PRO A 273 9.06 -13.57 -12.34
C PRO A 273 8.77 -12.07 -12.45
N ASP A 274 7.59 -11.65 -12.02
CA ASP A 274 7.21 -10.25 -12.10
C ASP A 274 7.44 -9.52 -10.79
N SER A 275 8.07 -10.20 -9.84
CA SER A 275 8.34 -9.59 -8.54
C SER A 275 9.54 -8.64 -8.61
N TRP A 276 9.52 -7.62 -7.76
CA TRP A 276 10.64 -6.66 -7.72
C TRP A 276 11.82 -7.32 -7.00
N ARG A 277 11.53 -8.40 -6.29
CA ARG A 277 12.52 -9.20 -5.55
C ARG A 277 12.44 -10.63 -6.13
N SER A 278 12.42 -10.74 -7.46
CA SER A 278 12.30 -12.04 -8.14
C SER A 278 13.29 -13.15 -7.75
N SER A 279 14.54 -12.79 -7.44
CA SER A 279 15.55 -13.77 -7.09
C SER A 279 15.25 -14.52 -5.80
N SER A 280 14.35 -13.99 -4.98
CA SER A 280 14.03 -14.64 -3.72
C SER A 280 12.75 -15.48 -3.76
N SER A 281 12.05 -15.48 -4.90
CA SER A 281 10.81 -16.24 -5.06
C SER A 281 9.92 -15.96 -3.85
N PRO A 282 9.55 -14.69 -3.63
CA PRO A 282 8.71 -14.30 -2.49
C PRO A 282 7.20 -14.25 -2.67
N LEU A 283 6.69 -14.76 -3.78
CA LEU A 283 5.25 -14.72 -4.04
C LEU A 283 4.49 -16.04 -3.98
N LEU A 284 3.17 -15.94 -4.13
CA LEU A 284 2.28 -17.09 -4.04
C LEU A 284 2.14 -17.96 -5.30
N PHE A 285 2.54 -17.43 -6.45
CA PHE A 285 2.49 -18.19 -7.69
C PHE A 285 3.90 -18.25 -8.24
N ASP A 286 4.24 -19.36 -8.91
CA ASP A 286 5.58 -19.55 -9.45
C ASP A 286 5.83 -19.11 -10.89
N GLY A 287 7.01 -19.45 -11.41
CA GLY A 287 7.41 -19.09 -12.76
C GLY A 287 6.50 -19.59 -13.88
N ASN A 288 5.59 -20.51 -13.54
CA ASN A 288 4.65 -21.05 -14.51
C ASN A 288 3.25 -20.52 -14.24
N TYR A 289 3.16 -19.53 -13.35
CA TYR A 289 1.88 -18.91 -12.96
C TYR A 289 0.92 -19.89 -12.32
N ASN A 290 1.48 -20.86 -11.61
CA ASN A 290 0.72 -21.88 -10.90
C ASN A 290 0.86 -21.66 -9.40
N PRO A 291 -0.20 -21.99 -8.62
CA PRO A 291 -0.20 -21.81 -7.17
C PRO A 291 0.94 -22.57 -6.51
N LYS A 292 1.68 -21.91 -5.64
CA LYS A 292 2.78 -22.55 -4.92
C LYS A 292 2.15 -23.19 -3.67
N ALA A 293 2.99 -23.75 -2.79
CA ALA A 293 2.47 -24.38 -1.58
C ALA A 293 1.81 -23.38 -0.63
N ALA A 294 2.43 -22.21 -0.47
CA ALA A 294 1.92 -21.17 0.40
C ALA A 294 0.49 -20.76 0.06
N TYR A 295 0.19 -20.68 -1.24
CA TYR A 295 -1.15 -20.29 -1.65
C TYR A 295 -2.18 -21.30 -1.15
N ASN A 296 -1.88 -22.58 -1.29
CA ASN A 296 -2.80 -23.62 -0.84
C ASN A 296 -2.85 -23.64 0.68
N ALA A 297 -1.71 -23.43 1.32
CA ALA A 297 -1.64 -23.41 2.78
C ALA A 297 -2.52 -22.29 3.31
N ILE A 298 -2.41 -21.11 2.68
CA ILE A 298 -3.20 -19.95 3.07
C ILE A 298 -4.68 -20.28 2.89
N ALA A 299 -5.00 -21.04 1.84
CA ALA A 299 -6.39 -21.41 1.57
C ALA A 299 -6.96 -22.37 2.61
N ASN A 300 -6.14 -23.32 3.04
CA ASN A 300 -6.60 -24.30 4.01
C ASN A 300 -6.64 -23.82 5.47
N ALA A 301 -6.09 -22.64 5.74
CA ALA A 301 -6.09 -22.06 7.08
C ALA A 301 -7.32 -21.17 7.28
N LEU A 302 -8.02 -20.89 6.19
CA LEU A 302 -9.21 -20.05 6.20
C LEU A 302 -10.48 -20.88 6.02
O1 XYP B . 7.46 -0.78 -5.59
C1 XYP B . 8.51 -0.99 -6.47
C2 XYP B . 7.96 -1.57 -7.78
C3 XYP B . 9.08 -1.69 -8.82
C4 XYP B . 9.81 -0.36 -8.98
C5 XYP B . 10.25 0.16 -7.62
O2 XYP B . 7.44 -2.87 -7.49
O3 XYP B . 8.53 -2.06 -10.07
O4 XYP B . 10.95 -0.56 -9.79
O5 XYP B . 9.13 0.27 -6.72
O1 XYP C . 11.36 -3.34 2.31
C1 XYP C . 12.41 -2.64 1.75
C2 XYP C . 11.98 -1.20 1.42
C3 XYP C . 13.18 -0.41 0.88
C4 XYP C . 14.32 -0.47 1.90
C5 XYP C . 14.66 -1.93 2.22
O2 XYP C . 10.93 -1.20 0.47
O3 XYP C . 12.80 0.94 0.63
O4 XYP C . 15.47 0.19 1.38
O5 XYP C . 13.49 -2.65 2.70
C1 XYS D . 9.94 3.51 -14.44
C2 XYS D . 8.85 4.37 -13.76
C3 XYS D . 7.69 3.43 -13.55
C4 XYS D . 8.03 2.05 -14.25
C5 XYS D . 9.25 1.41 -13.65
O1 XYS D . 11.04 4.38 -14.41
O2 XYS D . 9.33 5.00 -12.55
O3 XYS D . 6.55 4.01 -14.19
O4 XYS D . 6.91 1.18 -14.14
O5 XYS D . 10.31 2.38 -13.60
O1 XYP E . -10.76 5.99 -14.92
C1 XYP E . -11.18 6.92 -15.81
C2 XYP E . -11.19 8.30 -15.15
C3 XYP E . -11.66 9.33 -16.19
C4 XYP E . -10.73 9.29 -17.41
C5 XYP E . -10.61 7.84 -17.94
O2 XYP E . -12.08 8.27 -14.05
O3 XYP E . -11.65 10.63 -15.63
O4 XYP E . -11.24 10.15 -18.42
O5 XYP E . -10.26 6.91 -16.89
#